data_2I32
#
_entry.id   2I32
#
_cell.length_a   116.226
_cell.length_b   116.226
_cell.length_c   167.599
_cell.angle_alpha   90.000
_cell.angle_beta   90.000
_cell.angle_gamma   120.000
#
_symmetry.space_group_name_H-M   'P 65 2 2'
#
loop_
_entity.id
_entity.type
_entity.pdbx_description
1 polymer 'Anti-Silencing Factor 1 paralog a'
2 polymer 'Histone Regulatory homolog A'
3 water water
#
loop_
_entity_poly.entity_id
_entity_poly.type
_entity_poly.pdbx_seq_one_letter_code
_entity_poly.pdbx_strand_id
1 'polypeptide(L)'
;MGSSHHHHHHDYDIPTTENLYFQGSMAKVQVNNVVVLDNPSPFYNPFQFEITFECIEDLSEDLEWKIIYVGSAESEEYDQ
VLDSVLVGPVPAGRHMFVFQADAPNPGLIPDADAVGVTVVLITCTYRGQEFIRVGYYVNNEYTETELRENPPVKPDFSKL
QRNILASNPRVTRFHINWEDNT
;
A,B
2 'polypeptide(L)' SENLYFQGSSATSVAGVVNGESLEDIRKNLLKKQVETRTADGRRRITPLCIAQLDTG E,F
#
# COMPACT_ATOMS: atom_id res chain seq x y z
N MET A 26 -30.63 -26.90 12.86
CA MET A 26 -29.91 -27.76 11.88
C MET A 26 -28.39 -27.53 11.93
N ALA A 27 -27.91 -26.50 11.25
CA ALA A 27 -26.49 -26.16 11.24
C ALA A 27 -26.19 -25.31 12.48
N LYS A 28 -25.05 -25.55 13.10
CA LYS A 28 -24.66 -24.81 14.30
C LYS A 28 -24.35 -23.33 14.06
N VAL A 29 -23.95 -22.99 12.85
CA VAL A 29 -23.62 -21.61 12.50
C VAL A 29 -24.53 -21.10 11.39
N GLN A 30 -25.07 -19.90 11.59
CA GLN A 30 -25.96 -19.30 10.62
C GLN A 30 -25.44 -17.87 10.38
N VAL A 31 -25.32 -17.48 9.12
CA VAL A 31 -24.84 -16.14 8.79
C VAL A 31 -26.04 -15.20 8.71
N ASN A 32 -26.08 -14.22 9.60
CA ASN A 32 -27.19 -13.26 9.66
C ASN A 32 -27.13 -12.13 8.67
N ASN A 33 -25.93 -11.65 8.36
CA ASN A 33 -25.84 -10.53 7.45
C ASN A 33 -24.41 -10.21 7.03
N VAL A 34 -24.27 -9.56 5.88
CA VAL A 34 -22.97 -9.14 5.37
C VAL A 34 -23.09 -7.71 4.85
N VAL A 35 -22.36 -6.80 5.47
CA VAL A 35 -22.38 -5.41 5.02
C VAL A 35 -21.10 -5.08 4.26
N VAL A 36 -21.24 -4.68 3.00
CA VAL A 36 -20.07 -4.35 2.18
C VAL A 36 -19.65 -2.91 2.48
N LEU A 37 -18.50 -2.76 3.14
CA LEU A 37 -17.96 -1.45 3.50
C LEU A 37 -17.12 -0.81 2.39
N ASP A 38 -16.81 0.47 2.55
CA ASP A 38 -15.99 1.22 1.58
C ASP A 38 -16.36 0.82 0.16
N ASN A 39 -17.60 1.13 -0.22
CA ASN A 39 -18.11 0.76 -1.55
C ASN A 39 -19.02 1.81 -2.15
N PRO A 40 -18.76 2.23 -3.40
CA PRO A 40 -17.66 1.78 -4.27
C PRO A 40 -16.33 2.34 -3.82
N SER A 41 -15.27 1.97 -4.52
CA SER A 41 -13.93 2.43 -4.19
C SER A 41 -12.95 2.06 -5.29
N PRO A 42 -11.70 2.55 -5.18
CA PRO A 42 -10.70 2.24 -6.21
C PRO A 42 -10.41 0.74 -6.22
N PHE A 43 -10.20 0.18 -7.40
CA PHE A 43 -9.89 -1.23 -7.55
C PHE A 43 -8.80 -1.71 -6.58
N TYR A 44 -7.79 -0.88 -6.32
CA TYR A 44 -6.69 -1.25 -5.42
C TYR A 44 -7.00 -1.38 -3.94
N ASN A 45 -8.12 -0.80 -3.48
CA ASN A 45 -8.51 -0.88 -2.08
C ASN A 45 -8.85 -2.31 -1.62
N PRO A 46 -8.59 -2.63 -0.35
CA PRO A 46 -8.90 -3.97 0.14
C PRO A 46 -10.41 -4.15 0.26
N PHE A 47 -10.87 -5.40 0.17
CA PHE A 47 -12.29 -5.66 0.33
C PHE A 47 -12.56 -5.61 1.83
N GLN A 48 -13.67 -5.02 2.22
CA GLN A 48 -14.03 -4.95 3.63
C GLN A 48 -15.46 -5.40 3.86
N PHE A 49 -15.62 -6.58 4.43
CA PHE A 49 -16.92 -7.11 4.72
C PHE A 49 -17.16 -7.12 6.23
N GLU A 50 -18.29 -6.60 6.67
CA GLU A 50 -18.63 -6.59 8.09
C GLU A 50 -19.65 -7.71 8.20
N ILE A 51 -19.23 -8.83 8.77
CA ILE A 51 -20.10 -9.99 8.87
C ILE A 51 -20.73 -10.24 10.23
N THR A 52 -21.98 -10.71 10.19
CA THR A 52 -22.70 -11.03 11.41
C THR A 52 -23.21 -12.45 11.22
N PHE A 53 -22.86 -13.32 12.15
CA PHE A 53 -23.29 -14.70 12.10
C PHE A 53 -23.61 -15.10 13.52
N GLU A 54 -24.35 -16.19 13.68
CA GLU A 54 -24.64 -16.64 15.02
C GLU A 54 -24.42 -18.13 15.17
N CYS A 55 -23.91 -18.48 16.34
CA CYS A 55 -23.62 -19.87 16.67
C CYS A 55 -24.66 -20.38 17.66
N ILE A 56 -25.27 -21.50 17.33
CA ILE A 56 -26.30 -22.06 18.20
C ILE A 56 -25.73 -22.83 19.39
N GLU A 57 -24.45 -23.18 19.33
CA GLU A 57 -23.80 -23.90 20.43
C GLU A 57 -22.28 -23.90 20.31
N ASP A 58 -21.61 -23.59 21.41
CA ASP A 58 -20.14 -23.52 21.46
C ASP A 58 -19.46 -24.49 20.50
N LEU A 59 -18.66 -23.95 19.58
CA LEU A 59 -17.94 -24.78 18.62
C LEU A 59 -16.62 -25.23 19.23
N SER A 60 -16.21 -26.46 18.93
CA SER A 60 -14.97 -27.01 19.47
C SER A 60 -13.76 -26.58 18.65
N GLU A 61 -14.02 -26.03 17.47
CA GLU A 61 -12.95 -25.57 16.57
C GLU A 61 -13.28 -24.19 16.05
N ASP A 62 -12.35 -23.61 15.30
CA ASP A 62 -12.53 -22.29 14.72
C ASP A 62 -13.24 -22.37 13.37
N LEU A 63 -13.83 -21.24 12.97
CA LEU A 63 -14.49 -21.12 11.68
C LEU A 63 -13.39 -20.59 10.75
N GLU A 64 -13.40 -21.02 9.49
CA GLU A 64 -12.38 -20.54 8.56
C GLU A 64 -13.03 -19.79 7.42
N TRP A 65 -12.74 -18.50 7.32
CA TRP A 65 -13.33 -17.70 6.26
C TRP A 65 -12.33 -17.36 5.16
N LYS A 66 -12.83 -17.34 3.94
CA LYS A 66 -12.02 -17.03 2.77
C LYS A 66 -12.74 -16.04 1.86
N ILE A 67 -11.96 -15.20 1.20
CA ILE A 67 -12.53 -14.26 0.24
C ILE A 67 -11.86 -14.68 -1.08
N ILE A 68 -12.67 -15.08 -2.04
CA ILE A 68 -12.17 -15.53 -3.33
C ILE A 68 -12.62 -14.64 -4.49
N TYR A 69 -11.66 -14.15 -5.26
CA TYR A 69 -11.95 -13.27 -6.38
C TYR A 69 -11.82 -14.06 -7.68
N VAL A 70 -12.83 -13.96 -8.54
CA VAL A 70 -12.80 -14.66 -9.82
C VAL A 70 -12.19 -13.75 -10.88
N GLY A 71 -10.95 -14.03 -11.26
CA GLY A 71 -10.30 -13.19 -12.25
C GLY A 71 -10.95 -13.35 -13.61
N SER A 72 -11.44 -14.56 -13.88
CA SER A 72 -12.09 -14.86 -15.15
C SER A 72 -13.08 -16.01 -14.96
N ALA A 73 -14.21 -15.94 -15.65
CA ALA A 73 -15.22 -17.00 -15.52
C ALA A 73 -14.82 -18.19 -16.36
N GLU A 74 -13.85 -17.97 -17.26
CA GLU A 74 -13.35 -19.01 -18.15
C GLU A 74 -12.82 -20.22 -17.41
N SER A 75 -11.93 -19.98 -16.45
CA SER A 75 -11.32 -21.07 -15.70
C SER A 75 -11.13 -20.72 -14.22
N GLU A 76 -11.36 -21.70 -13.35
CA GLU A 76 -11.17 -21.48 -11.92
C GLU A 76 -9.70 -21.20 -11.68
N GLU A 77 -8.91 -21.53 -12.68
CA GLU A 77 -7.48 -21.36 -12.66
C GLU A 77 -7.09 -19.89 -12.42
N TYR A 78 -8.07 -19.00 -12.45
CA TYR A 78 -7.79 -17.58 -12.24
C TYR A 78 -8.41 -17.06 -10.94
N ASP A 79 -8.86 -17.99 -10.10
CA ASP A 79 -9.44 -17.66 -8.82
C ASP A 79 -8.28 -17.24 -7.92
N GLN A 80 -8.48 -16.17 -7.17
CA GLN A 80 -7.44 -15.70 -6.27
C GLN A 80 -8.00 -15.70 -4.87
N VAL A 81 -7.36 -16.47 -3.99
CA VAL A 81 -7.79 -16.49 -2.61
C VAL A 81 -7.15 -15.24 -2.02
N LEU A 82 -7.94 -14.17 -1.87
CA LEU A 82 -7.40 -12.93 -1.36
C LEU A 82 -6.94 -13.09 0.07
N ASP A 83 -7.62 -13.94 0.82
CA ASP A 83 -7.24 -14.15 2.20
C ASP A 83 -7.97 -15.30 2.85
N SER A 84 -7.33 -15.86 3.87
CA SER A 84 -7.89 -16.96 4.63
C SER A 84 -7.68 -16.63 6.10
N VAL A 85 -8.76 -16.57 6.87
CA VAL A 85 -8.62 -16.26 8.29
C VAL A 85 -9.46 -17.18 9.15
N LEU A 86 -9.02 -17.36 10.38
CA LEU A 86 -9.75 -18.20 11.32
C LEU A 86 -10.48 -17.24 12.23
N VAL A 87 -11.66 -17.65 12.68
CA VAL A 87 -12.45 -16.84 13.57
C VAL A 87 -12.70 -17.71 14.79
N GLY A 88 -12.31 -17.20 15.95
CA GLY A 88 -12.50 -17.96 17.17
C GLY A 88 -11.90 -17.31 18.40
N PRO A 89 -12.25 -17.84 19.59
CA PRO A 89 -13.16 -18.98 19.68
C PRO A 89 -14.61 -18.57 19.37
N VAL A 90 -15.47 -19.53 19.06
CA VAL A 90 -16.85 -19.21 18.76
C VAL A 90 -17.85 -19.71 19.78
N PRO A 91 -18.04 -18.95 20.86
CA PRO A 91 -19.01 -19.43 21.85
C PRO A 91 -20.42 -19.25 21.26
N ALA A 92 -21.36 -20.07 21.69
CA ALA A 92 -22.73 -19.94 21.20
C ALA A 92 -23.15 -18.48 21.38
N GLY A 93 -24.03 -17.99 20.52
CA GLY A 93 -24.47 -16.61 20.61
C GLY A 93 -24.42 -15.96 19.25
N ARG A 94 -24.53 -14.63 19.22
CA ARG A 94 -24.48 -13.89 17.96
C ARG A 94 -23.18 -13.13 17.93
N HIS A 95 -22.46 -13.17 16.81
CA HIS A 95 -21.18 -12.49 16.71
C HIS A 95 -20.97 -11.62 15.48
N MET A 96 -19.99 -10.74 15.55
CA MET A 96 -19.71 -9.85 14.44
C MET A 96 -18.22 -9.51 14.30
N PHE A 97 -17.73 -9.48 13.06
CA PHE A 97 -16.34 -9.11 12.78
C PHE A 97 -16.18 -8.53 11.37
N VAL A 98 -15.08 -7.81 11.15
CA VAL A 98 -14.79 -7.24 9.85
C VAL A 98 -13.73 -8.11 9.17
N PHE A 99 -14.08 -8.65 8.01
CA PHE A 99 -13.18 -9.48 7.23
C PHE A 99 -12.62 -8.60 6.13
N GLN A 100 -11.35 -8.23 6.29
CA GLN A 100 -10.69 -7.39 5.30
C GLN A 100 -9.63 -8.21 4.56
N ALA A 101 -9.52 -7.98 3.25
CA ALA A 101 -8.54 -8.69 2.43
C ALA A 101 -7.96 -7.79 1.34
N ASP A 102 -6.77 -8.14 0.88
CA ASP A 102 -6.10 -7.36 -0.16
C ASP A 102 -6.75 -7.52 -1.52
N ALA A 103 -6.66 -6.46 -2.32
CA ALA A 103 -7.23 -6.44 -3.66
C ALA A 103 -6.49 -7.47 -4.50
N PRO A 104 -7.18 -8.10 -5.46
CA PRO A 104 -6.51 -9.10 -6.29
C PRO A 104 -5.31 -8.51 -7.03
N ASN A 105 -4.43 -9.40 -7.47
CA ASN A 105 -3.24 -9.03 -8.21
C ASN A 105 -3.61 -8.98 -9.71
N PRO A 106 -3.64 -7.76 -10.28
CA PRO A 106 -4.00 -7.46 -11.67
C PRO A 106 -3.18 -8.27 -12.67
N GLY A 107 -1.92 -8.52 -12.33
CA GLY A 107 -1.05 -9.27 -13.22
C GLY A 107 -1.55 -10.68 -13.47
N LEU A 108 -2.50 -11.16 -12.66
CA LEU A 108 -3.02 -12.50 -12.85
C LEU A 108 -4.41 -12.48 -13.48
N ILE A 109 -4.91 -11.30 -13.83
CA ILE A 109 -6.24 -11.15 -14.42
C ILE A 109 -6.25 -10.96 -15.93
N PRO A 110 -6.96 -11.83 -16.67
CA PRO A 110 -7.04 -11.73 -18.13
C PRO A 110 -7.58 -10.36 -18.56
N ASP A 111 -6.83 -9.67 -19.42
CA ASP A 111 -7.20 -8.34 -19.89
C ASP A 111 -8.68 -8.19 -20.23
N ALA A 112 -9.21 -9.15 -20.99
CA ALA A 112 -10.61 -9.10 -21.42
C ALA A 112 -11.63 -9.13 -20.29
N ASP A 113 -11.23 -9.64 -19.11
CA ASP A 113 -12.13 -9.73 -17.97
C ASP A 113 -11.88 -8.63 -16.95
N ALA A 114 -10.87 -7.81 -17.19
CA ALA A 114 -10.54 -6.74 -16.26
C ALA A 114 -11.67 -5.73 -16.09
N VAL A 115 -12.17 -5.17 -17.19
CA VAL A 115 -13.23 -4.19 -17.11
C VAL A 115 -14.57 -4.84 -17.37
N GLY A 116 -15.49 -4.63 -16.44
CA GLY A 116 -16.81 -5.22 -16.53
C GLY A 116 -17.21 -5.85 -15.21
N VAL A 117 -17.98 -6.94 -15.29
CA VAL A 117 -18.48 -7.62 -14.11
C VAL A 117 -17.92 -9.02 -13.90
N THR A 118 -17.59 -9.33 -12.64
CA THR A 118 -17.11 -10.66 -12.24
C THR A 118 -17.72 -10.93 -10.88
N VAL A 119 -17.16 -11.90 -10.17
CA VAL A 119 -17.69 -12.20 -8.86
C VAL A 119 -16.60 -12.31 -7.83
N VAL A 120 -17.01 -12.13 -6.58
CA VAL A 120 -16.12 -12.26 -5.44
C VAL A 120 -16.93 -13.10 -4.46
N LEU A 121 -16.29 -14.10 -3.88
CA LEU A 121 -16.95 -15.01 -2.95
C LEU A 121 -16.41 -14.91 -1.54
N ILE A 122 -17.29 -15.12 -0.57
CA ILE A 122 -16.93 -15.18 0.84
C ILE A 122 -17.40 -16.60 1.16
N THR A 123 -16.52 -17.45 1.66
CA THR A 123 -16.92 -18.79 2.02
C THR A 123 -16.52 -19.03 3.48
N CYS A 124 -17.22 -19.95 4.12
CA CYS A 124 -16.90 -20.31 5.49
C CYS A 124 -16.90 -21.82 5.58
N THR A 125 -15.88 -22.37 6.20
CA THR A 125 -15.79 -23.80 6.33
C THR A 125 -15.49 -24.22 7.76
N TYR A 126 -16.04 -25.36 8.15
CA TYR A 126 -15.84 -25.90 9.49
C TYR A 126 -15.32 -27.33 9.35
N ARG A 127 -14.26 -27.64 10.10
CA ARG A 127 -13.66 -28.96 10.04
C ARG A 127 -13.48 -29.37 8.59
N GLY A 128 -12.72 -28.57 7.85
CA GLY A 128 -12.45 -28.86 6.45
C GLY A 128 -13.63 -29.03 5.50
N GLN A 129 -14.78 -28.47 5.83
CA GLN A 129 -15.93 -28.60 4.95
C GLN A 129 -16.76 -27.31 4.84
N GLU A 130 -16.87 -26.81 3.62
CA GLU A 130 -17.60 -25.58 3.30
C GLU A 130 -19.09 -25.78 3.58
N PHE A 131 -19.71 -24.83 4.28
CA PHE A 131 -21.13 -24.95 4.61
C PHE A 131 -21.97 -23.74 4.20
N ILE A 132 -21.29 -22.74 3.66
CA ILE A 132 -21.96 -21.53 3.26
C ILE A 132 -21.02 -20.80 2.31
N ARG A 133 -21.60 -20.11 1.33
CA ARG A 133 -20.85 -19.36 0.34
C ARG A 133 -21.70 -18.18 -0.14
N VAL A 134 -21.17 -16.98 0.01
CA VAL A 134 -21.91 -15.79 -0.42
C VAL A 134 -21.17 -15.13 -1.59
N GLY A 135 -21.82 -15.15 -2.75
CA GLY A 135 -21.23 -14.55 -3.94
C GLY A 135 -21.80 -13.18 -4.21
N TYR A 136 -20.97 -12.31 -4.76
CA TYR A 136 -21.38 -10.96 -5.09
C TYR A 136 -20.85 -10.69 -6.48
N TYR A 137 -21.56 -9.83 -7.21
CA TYR A 137 -21.10 -9.46 -8.54
C TYR A 137 -20.28 -8.22 -8.30
N VAL A 138 -19.18 -8.09 -9.03
CA VAL A 138 -18.35 -6.93 -8.88
C VAL A 138 -18.25 -6.27 -10.24
N ASN A 139 -18.46 -4.96 -10.26
CA ASN A 139 -18.42 -4.21 -11.50
C ASN A 139 -17.26 -3.23 -11.49
N ASN A 140 -16.27 -3.50 -12.33
CA ASN A 140 -15.10 -2.64 -12.44
C ASN A 140 -15.19 -1.79 -13.69
N GLU A 141 -15.32 -0.48 -13.49
CA GLU A 141 -15.46 0.46 -14.58
C GLU A 141 -14.62 1.71 -14.35
N TYR A 142 -14.40 2.46 -15.43
CA TYR A 142 -13.64 3.72 -15.36
C TYR A 142 -14.67 4.79 -15.03
N THR A 143 -14.35 5.70 -14.12
CA THR A 143 -15.28 6.76 -13.78
C THR A 143 -14.99 7.95 -14.69
N GLU A 144 -13.78 7.99 -15.24
CA GLU A 144 -13.34 9.05 -16.14
C GLU A 144 -14.01 8.80 -17.49
N THR A 145 -15.01 9.61 -17.80
CA THR A 145 -15.77 9.47 -19.05
C THR A 145 -14.91 9.31 -20.30
N GLU A 146 -13.80 10.04 -20.37
CA GLU A 146 -12.90 9.94 -21.51
C GLU A 146 -12.44 8.48 -21.66
N LEU A 147 -11.85 7.93 -20.61
CA LEU A 147 -11.38 6.54 -20.62
C LEU A 147 -12.54 5.55 -20.78
N ARG A 148 -13.71 5.89 -20.25
CA ARG A 148 -14.84 4.98 -20.38
C ARG A 148 -15.25 4.88 -21.84
N GLU A 149 -15.12 6.00 -22.56
CA GLU A 149 -15.46 6.04 -23.97
C GLU A 149 -14.43 5.22 -24.74
N ASN A 150 -13.15 5.52 -24.52
CA ASN A 150 -12.07 4.82 -25.18
C ASN A 150 -11.18 4.07 -24.20
N PRO A 151 -11.63 2.89 -23.74
CA PRO A 151 -10.83 2.11 -22.80
C PRO A 151 -9.48 1.72 -23.41
N PRO A 152 -8.41 1.81 -22.61
CA PRO A 152 -7.09 1.45 -23.12
C PRO A 152 -6.99 -0.06 -23.35
N VAL A 153 -6.25 -0.48 -24.36
CA VAL A 153 -6.10 -1.90 -24.67
C VAL A 153 -5.64 -2.64 -23.43
N LYS A 154 -4.67 -2.07 -22.73
CA LYS A 154 -4.16 -2.67 -21.51
C LYS A 154 -4.95 -1.99 -20.40
N PRO A 155 -5.79 -2.75 -19.67
CA PRO A 155 -6.58 -2.15 -18.60
C PRO A 155 -5.69 -1.44 -17.58
N ASP A 156 -6.09 -0.23 -17.21
CA ASP A 156 -5.37 0.57 -16.23
C ASP A 156 -6.07 0.49 -14.86
N PHE A 157 -5.66 -0.47 -14.03
CA PHE A 157 -6.26 -0.68 -12.72
C PHE A 157 -6.15 0.48 -11.72
N SER A 158 -5.20 1.37 -11.94
CA SER A 158 -5.07 2.51 -11.03
C SER A 158 -6.24 3.45 -11.23
N LYS A 159 -6.84 3.40 -12.41
CA LYS A 159 -7.97 4.27 -12.74
C LYS A 159 -9.34 3.54 -12.72
N LEU A 160 -9.33 2.26 -12.36
CA LEU A 160 -10.57 1.49 -12.28
C LEU A 160 -11.30 1.64 -10.95
N GLN A 161 -12.63 1.70 -11.02
CA GLN A 161 -13.43 1.79 -9.80
C GLN A 161 -14.15 0.46 -9.61
N ARG A 162 -14.14 -0.05 -8.38
CA ARG A 162 -14.79 -1.30 -8.09
C ARG A 162 -16.10 -1.06 -7.36
N ASN A 163 -17.18 -1.62 -7.89
CA ASN A 163 -18.46 -1.46 -7.25
C ASN A 163 -19.06 -2.81 -6.95
N ILE A 164 -19.00 -3.21 -5.68
CA ILE A 164 -19.57 -4.49 -5.27
C ILE A 164 -21.09 -4.27 -5.31
N LEU A 165 -21.81 -5.05 -6.10
CA LEU A 165 -23.27 -4.92 -6.19
C LEU A 165 -23.87 -5.59 -4.95
N ALA A 166 -23.68 -4.92 -3.81
CA ALA A 166 -24.12 -5.43 -2.52
C ALA A 166 -25.61 -5.65 -2.28
N SER A 167 -26.45 -5.26 -3.22
CA SER A 167 -27.89 -5.43 -3.03
C SER A 167 -28.39 -6.83 -3.33
N ASN A 168 -27.70 -7.53 -4.23
CA ASN A 168 -28.15 -8.87 -4.59
C ASN A 168 -27.14 -9.99 -4.36
N PRO A 169 -26.94 -10.39 -3.09
CA PRO A 169 -26.01 -11.45 -2.71
C PRO A 169 -26.57 -12.85 -2.97
N ARG A 170 -25.77 -13.71 -3.58
CA ARG A 170 -26.17 -15.08 -3.86
C ARG A 170 -25.71 -15.94 -2.69
N VAL A 171 -26.64 -16.40 -1.86
CA VAL A 171 -26.28 -17.23 -0.72
C VAL A 171 -26.50 -18.72 -0.99
N THR A 172 -25.44 -19.51 -0.88
CA THR A 172 -25.53 -20.96 -1.12
C THR A 172 -25.11 -21.70 0.14
N ARG A 173 -26.00 -22.54 0.66
CA ARG A 173 -25.71 -23.31 1.86
C ARG A 173 -25.48 -24.79 1.57
N PHE A 174 -24.48 -25.36 2.24
CA PHE A 174 -24.15 -26.77 2.09
C PHE A 174 -24.31 -27.51 3.41
N HIS A 175 -24.76 -28.76 3.32
CA HIS A 175 -24.95 -29.57 4.52
C HIS A 175 -23.64 -30.29 4.84
N ILE A 176 -23.05 -29.95 5.98
CA ILE A 176 -21.81 -30.56 6.42
C ILE A 176 -22.05 -31.26 7.75
N ASN A 177 -21.05 -32.02 8.19
CA ASN A 177 -21.12 -32.73 9.45
C ASN A 177 -20.48 -31.86 10.54
N TRP A 178 -21.31 -31.33 11.43
CA TRP A 178 -20.82 -30.48 12.52
C TRP A 178 -20.38 -31.29 13.73
N GLU A 179 -20.43 -32.61 13.60
CA GLU A 179 -20.08 -33.51 14.70
C GLU A 179 -21.22 -33.36 15.71
N MET B 26 -4.05 29.08 -6.50
CA MET B 26 -2.80 28.75 -5.75
C MET B 26 -2.37 27.30 -5.96
N ALA B 27 -1.24 26.95 -5.35
CA ALA B 27 -0.65 25.61 -5.44
C ALA B 27 -1.67 24.47 -5.26
N LYS B 28 -1.80 23.63 -6.28
CA LYS B 28 -2.72 22.51 -6.23
C LYS B 28 -2.29 21.44 -5.25
N VAL B 29 -0.99 21.32 -5.00
CA VAL B 29 -0.48 20.34 -4.05
C VAL B 29 0.25 21.04 -2.92
N GLN B 30 0.04 20.56 -1.69
CA GLN B 30 0.66 21.13 -0.50
C GLN B 30 1.26 20.07 0.42
N VAL B 31 2.57 20.11 0.60
CA VAL B 31 3.23 19.12 1.45
C VAL B 31 2.93 19.43 2.92
N ASN B 32 2.20 18.52 3.56
CA ASN B 32 1.81 18.68 4.95
C ASN B 32 2.88 18.20 5.91
N ASN B 33 3.58 17.13 5.57
CA ASN B 33 4.59 16.62 6.48
C ASN B 33 5.55 15.61 5.85
N VAL B 34 6.69 15.44 6.51
CA VAL B 34 7.70 14.48 6.05
C VAL B 34 8.34 13.85 7.29
N VAL B 35 8.28 12.54 7.38
CA VAL B 35 8.86 11.84 8.52
C VAL B 35 10.02 10.95 8.06
N VAL B 36 11.20 11.22 8.60
CA VAL B 36 12.38 10.45 8.28
C VAL B 36 12.31 9.15 9.08
N LEU B 37 12.47 8.01 8.42
CA LEU B 37 12.41 6.70 9.10
C LEU B 37 13.79 6.07 9.20
N ASP B 38 13.93 5.02 10.02
CA ASP B 38 15.20 4.33 10.21
C ASP B 38 16.37 5.33 10.22
N ASN B 39 16.42 6.16 11.26
CA ASN B 39 17.45 7.18 11.40
C ASN B 39 17.77 7.33 12.87
N PRO B 40 19.07 7.30 13.25
CA PRO B 40 20.27 7.13 12.40
C PRO B 40 20.31 5.77 11.71
N SER B 41 21.40 5.51 11.00
CA SER B 41 21.54 4.23 10.31
C SER B 41 22.85 4.09 9.56
N PRO B 42 23.21 2.85 9.23
CA PRO B 42 24.46 2.66 8.49
C PRO B 42 24.32 3.41 7.17
N PHE B 43 25.41 4.03 6.71
CA PHE B 43 25.44 4.78 5.47
C PHE B 43 24.71 4.05 4.33
N TYR B 44 24.91 2.74 4.24
CA TYR B 44 24.32 1.93 3.18
C TYR B 44 22.81 1.68 3.19
N ASN B 45 22.17 1.85 4.35
CA ASN B 45 20.73 1.64 4.41
C ASN B 45 20.03 2.60 3.46
N PRO B 46 18.88 2.21 2.90
CA PRO B 46 18.24 3.16 2.00
C PRO B 46 17.54 4.28 2.74
N PHE B 47 17.30 5.41 2.06
CA PHE B 47 16.61 6.54 2.67
C PHE B 47 15.13 6.18 2.68
N GLN B 48 14.46 6.48 3.80
CA GLN B 48 13.03 6.20 3.91
C GLN B 48 12.31 7.43 4.46
N PHE B 49 11.43 7.99 3.64
CA PHE B 49 10.68 9.16 4.02
C PHE B 49 9.20 8.89 3.93
N GLU B 50 8.48 9.17 5.01
CA GLU B 50 7.03 9.00 4.98
C GLU B 50 6.54 10.40 4.66
N ILE B 51 5.94 10.55 3.48
CA ILE B 51 5.45 11.84 3.02
C ILE B 51 3.93 11.95 2.99
N THR B 52 3.45 13.14 3.39
CA THR B 52 2.03 13.46 3.42
C THR B 52 1.77 14.75 2.68
N PHE B 53 0.82 14.72 1.76
CA PHE B 53 0.48 15.92 1.00
C PHE B 53 -1.01 15.87 0.67
N GLU B 54 -1.52 16.96 0.10
CA GLU B 54 -2.92 17.00 -0.26
C GLU B 54 -3.14 17.88 -1.48
N CYS B 55 -4.14 17.52 -2.29
CA CYS B 55 -4.49 18.27 -3.49
C CYS B 55 -5.80 18.99 -3.28
N ILE B 56 -5.83 20.28 -3.58
CA ILE B 56 -7.05 21.04 -3.43
C ILE B 56 -8.03 20.56 -4.49
N GLU B 57 -7.52 19.81 -5.47
CA GLU B 57 -8.38 19.29 -6.52
C GLU B 57 -7.68 18.36 -7.52
N ASP B 58 -8.39 17.31 -7.92
CA ASP B 58 -7.93 16.31 -8.88
C ASP B 58 -6.87 16.80 -9.87
N LEU B 59 -5.77 16.06 -9.96
CA LEU B 59 -4.69 16.36 -10.88
C LEU B 59 -4.83 15.43 -12.07
N SER B 60 -4.51 15.91 -13.27
CA SER B 60 -4.61 15.09 -14.47
C SER B 60 -3.31 14.40 -14.82
N GLU B 61 -2.24 14.78 -14.13
CA GLU B 61 -0.93 14.21 -14.37
C GLU B 61 -0.48 13.57 -13.06
N ASP B 62 0.61 12.81 -13.10
CA ASP B 62 1.14 12.20 -11.88
C ASP B 62 2.09 13.21 -11.28
N LEU B 63 2.48 12.97 -10.02
CA LEU B 63 3.44 13.83 -9.34
C LEU B 63 4.76 13.07 -9.45
N GLU B 64 5.84 13.79 -9.73
CA GLU B 64 7.14 13.16 -9.84
C GLU B 64 8.01 13.51 -8.65
N TRP B 65 8.26 12.53 -7.79
CA TRP B 65 9.09 12.74 -6.61
C TRP B 65 10.52 12.23 -6.83
N LYS B 66 11.48 12.96 -6.29
CA LYS B 66 12.89 12.59 -6.42
C LYS B 66 13.61 12.79 -5.10
N ILE B 67 14.66 12.02 -4.92
CA ILE B 67 15.51 12.14 -3.75
C ILE B 67 16.87 12.35 -4.35
N ILE B 68 17.50 13.45 -3.98
CA ILE B 68 18.81 13.81 -4.49
C ILE B 68 19.80 13.95 -3.36
N TYR B 69 20.99 13.40 -3.56
CA TYR B 69 22.04 13.46 -2.56
C TYR B 69 23.11 14.42 -3.06
N VAL B 70 23.51 15.34 -2.19
CA VAL B 70 24.54 16.29 -2.55
C VAL B 70 25.83 15.66 -2.07
N GLY B 71 26.54 15.02 -3.01
CA GLY B 71 27.79 14.37 -2.68
C GLY B 71 28.88 15.34 -2.28
N SER B 72 28.85 16.52 -2.89
CA SER B 72 29.86 17.53 -2.60
C SER B 72 29.27 18.92 -2.38
N ALA B 73 29.49 19.46 -1.19
CA ALA B 73 29.00 20.78 -0.86
C ALA B 73 29.99 21.84 -1.35
N GLU B 74 30.39 21.72 -2.62
CA GLU B 74 31.32 22.65 -3.25
C GLU B 74 30.97 22.74 -4.73
N SER B 75 30.73 21.59 -5.34
CA SER B 75 30.36 21.52 -6.74
C SER B 75 29.05 20.77 -6.84
N GLU B 76 28.09 21.32 -7.59
CA GLU B 76 26.79 20.68 -7.75
C GLU B 76 26.85 19.53 -8.74
N GLU B 77 28.04 19.29 -9.29
CA GLU B 77 28.21 18.21 -10.27
C GLU B 77 28.17 16.84 -9.63
N TYR B 78 28.31 16.80 -8.30
CA TYR B 78 28.30 15.53 -7.59
C TYR B 78 26.96 15.23 -6.94
N ASP B 79 25.89 15.76 -7.53
CA ASP B 79 24.56 15.51 -7.02
C ASP B 79 24.10 14.22 -7.66
N GLN B 80 23.56 13.33 -6.85
CA GLN B 80 23.07 12.06 -7.33
C GLN B 80 21.56 11.99 -7.23
N VAL B 81 20.91 11.57 -8.31
CA VAL B 81 19.46 11.41 -8.27
C VAL B 81 19.31 9.96 -7.84
N LEU B 82 19.26 9.75 -6.53
CA LEU B 82 19.14 8.41 -5.96
C LEU B 82 17.92 7.66 -6.47
N ASP B 83 16.84 8.39 -6.74
CA ASP B 83 15.62 7.76 -7.23
C ASP B 83 14.63 8.79 -7.76
N SER B 84 13.85 8.36 -8.73
CA SER B 84 12.85 9.21 -9.33
C SER B 84 11.61 8.34 -9.55
N VAL B 85 10.54 8.66 -8.85
CA VAL B 85 9.30 7.89 -8.97
C VAL B 85 8.11 8.77 -9.31
N LEU B 86 7.07 8.13 -9.80
CA LEU B 86 5.83 8.80 -10.14
C LEU B 86 4.82 8.43 -9.07
N VAL B 87 3.97 9.38 -8.71
CA VAL B 87 2.93 9.14 -7.71
C VAL B 87 1.60 9.57 -8.29
N GLY B 88 0.62 8.66 -8.27
CA GLY B 88 -0.70 8.97 -8.80
C GLY B 88 -1.48 7.69 -9.02
N PRO B 89 -2.76 7.77 -9.40
CA PRO B 89 -3.49 9.02 -9.64
C PRO B 89 -3.62 9.84 -8.36
N VAL B 90 -3.92 11.12 -8.52
CA VAL B 90 -4.03 12.01 -7.37
C VAL B 90 -5.32 12.82 -7.36
N PRO B 91 -6.40 12.26 -6.83
CA PRO B 91 -7.68 12.98 -6.77
C PRO B 91 -7.66 13.95 -5.58
N ALA B 92 -8.57 14.91 -5.57
CA ALA B 92 -8.62 15.88 -4.47
C ALA B 92 -8.60 15.15 -3.13
N GLY B 93 -7.73 15.60 -2.22
CA GLY B 93 -7.66 14.95 -0.91
C GLY B 93 -6.28 14.94 -0.26
N ARG B 94 -6.20 14.28 0.89
CA ARG B 94 -4.95 14.17 1.65
C ARG B 94 -4.35 12.79 1.35
N HIS B 95 -3.08 12.76 0.94
CA HIS B 95 -2.42 11.51 0.59
C HIS B 95 -1.18 11.22 1.41
N MET B 96 -0.79 9.95 1.45
CA MET B 96 0.38 9.50 2.20
C MET B 96 1.08 8.33 1.52
N PHE B 97 2.41 8.35 1.50
CA PHE B 97 3.16 7.25 0.91
C PHE B 97 4.59 7.23 1.42
N VAL B 98 5.19 6.05 1.40
CA VAL B 98 6.57 5.94 1.82
C VAL B 98 7.44 5.99 0.58
N PHE B 99 8.45 6.84 0.64
CA PHE B 99 9.38 7.01 -0.48
C PHE B 99 10.73 6.48 -0.04
N GLN B 100 11.07 5.28 -0.51
CA GLN B 100 12.35 4.67 -0.19
C GLN B 100 13.29 4.77 -1.38
N ALA B 101 14.54 5.14 -1.12
CA ALA B 101 15.54 5.25 -2.18
C ALA B 101 16.84 4.65 -1.69
N ASP B 102 17.58 4.01 -2.62
CA ASP B 102 18.85 3.38 -2.29
C ASP B 102 19.91 4.38 -1.88
N ALA B 103 20.85 3.94 -1.05
CA ALA B 103 21.92 4.81 -0.57
C ALA B 103 22.73 5.35 -1.74
N PRO B 104 23.54 6.40 -1.50
CA PRO B 104 24.40 7.03 -2.52
C PRO B 104 25.49 6.12 -3.05
N ASN B 105 25.97 6.42 -4.26
CA ASN B 105 27.04 5.66 -4.89
C ASN B 105 28.38 6.29 -4.46
N PRO B 106 29.09 5.61 -3.56
CA PRO B 106 30.37 6.10 -3.04
C PRO B 106 31.36 6.44 -4.14
N GLY B 107 31.25 5.74 -5.26
CA GLY B 107 32.16 5.98 -6.37
C GLY B 107 32.05 7.34 -7.01
N LEU B 108 31.08 8.14 -6.55
CA LEU B 108 30.86 9.48 -7.08
C LEU B 108 30.98 10.50 -5.96
N ILE B 109 31.38 10.03 -4.78
CA ILE B 109 31.53 10.89 -3.62
C ILE B 109 33.00 11.24 -3.40
N PRO B 110 33.35 12.52 -3.51
CA PRO B 110 34.74 12.93 -3.29
C PRO B 110 35.15 12.43 -1.90
N ASP B 111 36.35 11.86 -1.79
CA ASP B 111 36.79 11.34 -0.50
C ASP B 111 36.63 12.36 0.61
N ALA B 112 36.99 13.61 0.32
CA ALA B 112 36.91 14.69 1.30
C ALA B 112 35.52 15.03 1.82
N ASP B 113 34.49 14.76 1.04
CA ASP B 113 33.12 15.06 1.48
C ASP B 113 32.42 13.86 2.11
N ALA B 114 33.12 12.74 2.23
CA ALA B 114 32.53 11.54 2.80
C ALA B 114 32.23 11.71 4.29
N VAL B 115 33.28 11.92 5.07
CA VAL B 115 33.14 12.09 6.52
C VAL B 115 32.82 13.56 6.82
N GLY B 116 31.60 13.80 7.30
CA GLY B 116 31.18 15.15 7.61
C GLY B 116 29.70 15.35 7.35
N VAL B 117 29.29 16.58 7.05
CA VAL B 117 27.88 16.86 6.81
C VAL B 117 27.56 17.26 5.38
N THR B 118 26.54 16.60 4.83
CA THR B 118 26.05 16.92 3.48
C THR B 118 24.56 17.10 3.61
N VAL B 119 23.88 17.20 2.47
CA VAL B 119 22.44 17.34 2.47
C VAL B 119 21.77 16.41 1.47
N VAL B 120 20.54 16.02 1.79
CA VAL B 120 19.74 15.16 0.92
C VAL B 120 18.47 15.96 0.66
N LEU B 121 18.04 16.01 -0.59
CA LEU B 121 16.86 16.77 -0.97
C LEU B 121 15.71 15.91 -1.49
N ILE B 122 14.50 16.26 -1.10
CA ILE B 122 13.33 15.58 -1.59
C ILE B 122 12.64 16.69 -2.37
N THR B 123 12.38 16.46 -3.64
CA THR B 123 11.71 17.48 -4.43
C THR B 123 10.55 16.85 -5.16
N CYS B 124 9.55 17.66 -5.48
CA CYS B 124 8.40 17.16 -6.21
C CYS B 124 8.15 18.11 -7.34
N THR B 125 7.93 17.57 -8.53
CA THR B 125 7.66 18.41 -9.68
C THR B 125 6.39 17.93 -10.36
N TYR B 126 5.67 18.87 -10.96
CA TYR B 126 4.43 18.56 -11.64
C TYR B 126 4.46 19.07 -13.07
N ARG B 127 3.95 18.25 -13.98
CA ARG B 127 3.89 18.59 -15.39
C ARG B 127 5.17 19.30 -15.85
N GLY B 128 6.31 18.67 -15.59
CA GLY B 128 7.59 19.24 -16.01
C GLY B 128 8.21 20.39 -15.22
N GLN B 129 7.60 20.81 -14.12
CA GLN B 129 8.18 21.91 -13.35
C GLN B 129 8.16 21.67 -11.85
N GLU B 130 9.33 21.85 -11.24
CA GLU B 130 9.54 21.65 -9.81
C GLU B 130 8.81 22.67 -8.96
N PHE B 131 8.00 22.20 -8.00
CA PHE B 131 7.27 23.12 -7.14
C PHE B 131 7.67 23.12 -5.66
N ILE B 132 8.49 22.16 -5.25
CA ILE B 132 8.96 22.16 -3.86
C ILE B 132 10.30 21.45 -3.69
N ARG B 133 11.01 21.84 -2.63
CA ARG B 133 12.33 21.31 -2.32
C ARG B 133 12.34 21.14 -0.82
N VAL B 134 12.83 20.00 -0.34
CA VAL B 134 12.89 19.79 1.11
C VAL B 134 14.22 19.15 1.47
N GLY B 135 15.14 19.96 2.00
CA GLY B 135 16.44 19.45 2.36
C GLY B 135 16.70 19.25 3.84
N TYR B 136 17.51 18.24 4.14
CA TYR B 136 17.90 17.92 5.49
C TYR B 136 19.41 17.89 5.48
N TYR B 137 20.02 18.07 6.64
CA TYR B 137 21.47 18.01 6.72
C TYR B 137 21.72 16.58 7.14
N VAL B 138 22.79 15.99 6.62
CA VAL B 138 23.11 14.63 6.97
C VAL B 138 24.53 14.59 7.52
N ASN B 139 24.71 13.90 8.63
CA ASN B 139 26.04 13.81 9.22
C ASN B 139 26.52 12.39 9.09
N ASN B 140 27.67 12.25 8.42
CA ASN B 140 28.29 10.96 8.20
C ASN B 140 29.59 10.90 9.00
N GLU B 141 29.57 10.09 10.06
CA GLU B 141 30.70 9.92 10.95
C GLU B 141 30.86 8.44 11.30
N TYR B 142 32.05 8.06 11.75
CA TYR B 142 32.31 6.67 12.15
C TYR B 142 31.83 6.54 13.59
N THR B 143 31.60 5.32 14.04
CA THR B 143 31.17 5.11 15.42
C THR B 143 32.29 4.51 16.27
N GLU B 144 33.04 3.57 15.72
CA GLU B 144 34.16 2.99 16.44
C GLU B 144 35.16 4.12 16.68
N THR B 145 35.45 4.38 17.96
CA THR B 145 36.35 5.46 18.35
C THR B 145 37.73 5.49 17.69
N GLU B 146 38.32 4.32 17.46
CA GLU B 146 39.64 4.26 16.83
C GLU B 146 39.61 4.88 15.44
N LEU B 147 38.51 4.66 14.72
CA LEU B 147 38.33 5.20 13.38
C LEU B 147 38.04 6.69 13.47
N ARG B 148 37.22 7.07 14.45
CA ARG B 148 36.90 8.47 14.65
C ARG B 148 38.24 9.18 14.92
N GLU B 149 39.06 8.55 15.76
CA GLU B 149 40.38 9.09 16.10
C GLU B 149 41.22 9.21 14.85
N ASN B 150 41.51 8.06 14.25
CA ASN B 150 42.34 7.97 13.05
C ASN B 150 41.50 7.56 11.84
N PRO B 151 40.94 8.54 11.13
CA PRO B 151 40.10 8.24 9.95
C PRO B 151 40.90 7.66 8.78
N PRO B 152 40.39 6.59 8.17
CA PRO B 152 41.05 5.96 7.03
C PRO B 152 41.34 6.98 5.94
N VAL B 153 42.40 6.75 5.17
CA VAL B 153 42.78 7.65 4.10
C VAL B 153 41.70 7.57 3.01
N LYS B 154 41.00 6.45 3.02
CA LYS B 154 39.94 6.20 2.07
C LYS B 154 38.68 6.04 2.92
N PRO B 155 37.70 6.94 2.75
CA PRO B 155 36.50 6.78 3.57
C PRO B 155 36.05 5.33 3.51
N ASP B 156 35.69 4.78 4.66
CA ASP B 156 35.21 3.41 4.73
C ASP B 156 33.71 3.48 5.00
N PHE B 157 32.93 3.51 3.92
CA PHE B 157 31.48 3.61 4.01
C PHE B 157 30.76 2.48 4.75
N SER B 158 31.34 1.29 4.76
CA SER B 158 30.72 0.18 5.46
C SER B 158 30.74 0.45 6.96
N LYS B 159 31.49 1.47 7.37
CA LYS B 159 31.57 1.79 8.80
C LYS B 159 31.22 3.25 9.11
N LEU B 160 30.50 3.90 8.20
CA LEU B 160 30.07 5.28 8.40
C LEU B 160 28.61 5.21 8.81
N GLN B 161 28.24 6.02 9.79
CA GLN B 161 26.86 6.04 10.24
C GLN B 161 26.23 7.33 9.72
N ARG B 162 25.01 7.23 9.22
CA ARG B 162 24.30 8.38 8.68
C ARG B 162 23.31 8.91 9.70
N ASN B 163 23.38 10.21 9.95
CA ASN B 163 22.48 10.84 10.90
C ASN B 163 21.75 12.01 10.24
N ILE B 164 20.54 11.74 9.77
CA ILE B 164 19.73 12.77 9.14
C ILE B 164 19.14 13.66 10.22
N LEU B 165 19.59 14.91 10.25
CA LEU B 165 19.11 15.89 11.24
C LEU B 165 17.72 16.35 10.79
N ALA B 166 16.73 15.51 11.09
CA ALA B 166 15.33 15.71 10.71
C ALA B 166 14.53 16.87 11.31
N SER B 167 14.92 17.32 12.50
CA SER B 167 14.22 18.41 13.17
C SER B 167 14.73 19.77 12.74
N ASN B 168 14.90 19.94 11.43
CA ASN B 168 15.39 21.19 10.88
C ASN B 168 15.38 21.14 9.37
N PRO B 169 14.19 20.91 8.79
CA PRO B 169 14.05 20.84 7.33
C PRO B 169 14.42 22.16 6.71
N ARG B 170 14.58 22.15 5.39
CA ARG B 170 14.88 23.36 4.64
C ARG B 170 13.90 23.35 3.48
N VAL B 171 12.72 23.91 3.71
CA VAL B 171 11.71 23.93 2.65
C VAL B 171 11.90 25.13 1.74
N THR B 172 11.58 24.92 0.47
CA THR B 172 11.69 25.94 -0.54
C THR B 172 10.58 25.65 -1.55
N ARG B 173 9.64 26.57 -1.70
CA ARG B 173 8.55 26.38 -2.64
C ARG B 173 8.91 27.11 -3.91
N PHE B 174 8.23 26.78 -5.00
CA PHE B 174 8.49 27.41 -6.27
C PHE B 174 7.17 27.63 -6.96
N HIS B 175 6.99 28.82 -7.52
CA HIS B 175 5.75 29.12 -8.21
C HIS B 175 5.77 28.43 -9.57
N ILE B 176 4.73 27.66 -9.87
CA ILE B 176 4.65 26.97 -11.14
C ILE B 176 3.23 27.08 -11.66
N ASN B 177 3.01 26.75 -12.92
CA ASN B 177 1.66 26.81 -13.46
C ASN B 177 1.11 25.39 -13.55
N TRP B 178 0.16 25.09 -12.67
CA TRP B 178 -0.46 23.78 -12.64
C TRP B 178 -1.37 23.56 -13.82
N GLU B 179 -2.54 24.21 -13.79
CA GLU B 179 -3.52 24.09 -14.87
C GLU B 179 -4.85 24.65 -14.34
N LEU C 31 -16.00 -1.74 14.55
CA LEU C 31 -15.02 -2.52 15.36
C LEU C 31 -13.61 -2.05 15.07
N LYS C 32 -12.81 -2.94 14.49
CA LYS C 32 -11.41 -2.65 14.16
C LYS C 32 -10.67 -2.24 15.44
N LYS C 33 -11.26 -2.67 16.55
CA LYS C 33 -10.76 -2.51 17.90
C LYS C 33 -10.72 -4.03 18.11
N GLN C 34 -10.97 -4.68 16.99
CA GLN C 34 -11.03 -6.10 16.79
C GLN C 34 -9.74 -6.79 17.21
N VAL C 35 -9.87 -7.93 17.87
CA VAL C 35 -8.70 -8.64 18.33
C VAL C 35 -8.23 -9.74 17.40
N GLU C 36 -7.00 -9.64 16.92
CA GLU C 36 -6.45 -10.71 16.12
C GLU C 36 -5.11 -11.17 16.62
N THR C 37 -4.91 -12.47 16.58
CA THR C 37 -3.68 -13.07 17.02
C THR C 37 -3.22 -14.06 15.97
N ARG C 38 -2.20 -14.85 16.31
CA ARG C 38 -1.67 -15.84 15.39
C ARG C 38 -1.84 -17.21 16.04
N THR C 39 -2.30 -18.19 15.26
CA THR C 39 -2.50 -19.52 15.81
C THR C 39 -1.14 -20.07 16.17
N ALA C 40 -1.13 -21.15 16.96
CA ALA C 40 0.12 -21.77 17.38
C ALA C 40 1.07 -21.98 16.19
N ASP C 41 0.50 -22.11 14.99
CA ASP C 41 1.32 -22.32 13.80
C ASP C 41 1.36 -21.15 12.81
N GLY C 42 1.23 -19.93 13.35
CA GLY C 42 1.31 -18.74 12.52
C GLY C 42 0.16 -18.35 11.60
N ARG C 43 -1.06 -18.78 11.91
CA ARG C 43 -2.20 -18.41 11.08
C ARG C 43 -2.91 -17.21 11.69
N ARG C 44 -3.48 -16.35 10.84
CA ARG C 44 -4.19 -15.16 11.33
C ARG C 44 -5.54 -15.58 11.93
N ARG C 45 -5.85 -15.06 13.10
CA ARG C 45 -7.09 -15.42 13.78
C ARG C 45 -7.83 -14.23 14.39
N ILE C 46 -9.09 -14.05 14.01
CA ILE C 46 -9.87 -12.96 14.55
C ILE C 46 -10.85 -13.46 15.60
N THR C 47 -10.89 -12.76 16.73
CA THR C 47 -11.82 -13.09 17.80
C THR C 47 -12.96 -12.09 17.65
N PRO C 48 -14.13 -12.58 17.20
CA PRO C 48 -15.32 -11.74 16.98
C PRO C 48 -15.92 -11.04 18.20
N LEU C 49 -16.66 -9.97 17.93
CA LEU C 49 -17.33 -9.21 18.96
C LEU C 49 -18.68 -9.89 19.21
N CYS C 50 -19.12 -9.94 20.47
CA CYS C 50 -20.39 -10.58 20.78
C CYS C 50 -21.50 -9.54 20.80
N ILE C 51 -22.61 -9.86 20.13
CA ILE C 51 -23.74 -8.93 20.06
C ILE C 51 -24.78 -9.23 21.13
N GLN D 34 -0.37 1.47 -0.01
CA GLN D 34 0.67 1.71 -1.06
C GLN D 34 0.84 0.56 -2.06
N VAL D 35 0.69 0.88 -3.34
CA VAL D 35 0.83 -0.09 -4.43
C VAL D 35 1.80 0.51 -5.44
N GLU D 36 2.78 -0.26 -5.88
CA GLU D 36 3.72 0.26 -6.86
C GLU D 36 3.76 -0.60 -8.09
N THR D 37 4.06 0.04 -9.21
CA THR D 37 4.17 -0.64 -10.48
C THR D 37 5.32 0.00 -11.26
N ARG D 38 5.68 -0.60 -12.37
CA ARG D 38 6.76 -0.08 -13.18
C ARG D 38 6.15 0.47 -14.45
N THR D 39 6.65 1.62 -14.89
CA THR D 39 6.14 2.24 -16.10
C THR D 39 6.89 1.69 -17.30
N ALA D 40 6.56 2.19 -18.49
CA ALA D 40 7.21 1.72 -19.71
C ALA D 40 8.70 2.06 -19.71
N ASP D 41 9.07 3.14 -19.02
CA ASP D 41 10.47 3.57 -18.95
C ASP D 41 11.23 2.98 -17.76
N GLY D 42 10.60 2.04 -17.05
CA GLY D 42 11.25 1.41 -15.92
C GLY D 42 11.11 2.05 -14.54
N ARG D 43 10.66 3.30 -14.49
CA ARG D 43 10.50 3.98 -13.20
C ARG D 43 9.33 3.43 -12.41
N ARG D 44 9.40 3.59 -11.10
CA ARG D 44 8.34 3.13 -10.21
C ARG D 44 7.15 4.09 -10.19
N ARG D 45 5.96 3.53 -10.08
CA ARG D 45 4.76 4.35 -10.00
C ARG D 45 4.06 3.95 -8.71
N ILE D 46 4.10 4.83 -7.71
CA ILE D 46 3.44 4.55 -6.46
C ILE D 46 2.01 5.13 -6.44
N THR D 47 1.05 4.29 -6.10
CA THR D 47 -0.34 4.73 -6.00
C THR D 47 -0.68 4.77 -4.51
N PRO D 48 -0.82 5.97 -3.93
CA PRO D 48 -1.15 6.14 -2.51
C PRO D 48 -2.62 5.85 -2.20
N LEU D 49 -2.87 4.70 -1.56
CA LEU D 49 -4.22 4.29 -1.21
C LEU D 49 -4.75 5.04 0.01
#